data_9CFE
#
_entry.id   9CFE
#
_cell.length_a   1.00
_cell.length_b   1.00
_cell.length_c   1.00
_cell.angle_alpha   90.00
_cell.angle_beta   90.00
_cell.angle_gamma   90.00
#
_symmetry.space_group_name_H-M   'P 1'
#
loop_
_entity.id
_entity.type
_entity.pdbx_description
1 polymer 'heavy chain'
2 polymer 'light chain'
3 polymer 'Spike protein S1'
#
loop_
_entity_poly.entity_id
_entity_poly.type
_entity_poly.pdbx_seq_one_letter_code
_entity_poly.pdbx_strand_id
1 'polypeptide(L)'
;EVQVVESGGGLIQPGGSLRLSCTASELIISRNYMSWVRQAPGKGLEWLSVIYPGGSSFYTDSLKGRFTISRDNSKNTLYL
QMNRLGVEDTAIYYCVRDAPSESDWGQGTLVTVSS
;
A
2 'polypeptide(L)'
;EIVLTQSPATLSLFPGERATLSCRASQNIGHFLTWYQQKPGQAPRLLIYDASNRATGVPARFSGSGSETEFTLTISSLGP
EDFAVYYCQERSDWPRGTFGQGTKVEIK
;
B
3 'polypeptide(L)'
;LCPFGEVFNATRFASVYAWNRKRISNCVADYSVLYNSASFSTFKCYGVSPTKLNDLCFTNVYADSFVIRGDEVRQIAPGQ
TGKIADYNYKLPDDFTGCVIAWNSNNLDSKVGGNYNYLYRLFRKSNLKPFERDISTEIYQAGSTPCNGVEGFNCYFPLQS
YGFQPTNGVGYQPYRVVVLSFELLHAPATVCGP
;
C
#
# COMPACT_ATOMS: atom_id res chain seq x y z
N GLU A 1 21.88 -13.49 -2.86
CA GLU A 1 20.69 -12.98 -2.14
C GLU A 1 21.06 -11.81 -1.21
N VAL A 2 20.21 -10.78 -1.12
CA VAL A 2 20.41 -9.64 -0.19
C VAL A 2 20.23 -10.08 1.26
N GLN A 3 21.15 -9.68 2.14
CA GLN A 3 21.00 -9.88 3.57
C GLN A 3 20.67 -8.55 4.26
N VAL A 4 19.53 -8.52 4.97
CA VAL A 4 19.23 -7.46 5.94
C VAL A 4 19.42 -8.02 7.35
N VAL A 5 20.01 -7.22 8.24
CA VAL A 5 20.70 -7.75 9.43
C VAL A 5 20.33 -6.93 10.65
N GLU A 6 19.45 -7.46 11.49
CA GLU A 6 19.05 -6.78 12.72
C GLU A 6 20.17 -6.76 13.77
N SER A 7 20.06 -5.85 14.73
CA SER A 7 20.93 -5.72 15.90
C SER A 7 20.22 -4.94 17.01
N GLY A 8 20.76 -4.93 18.21
CA GLY A 8 20.15 -4.27 19.38
C GLY A 8 19.20 -5.17 20.18
N GLY A 9 19.21 -6.47 19.91
CA GLY A 9 18.52 -7.45 20.74
C GLY A 9 19.11 -7.55 22.14
N GLY A 10 18.29 -7.99 23.09
CA GLY A 10 18.67 -8.01 24.51
C GLY A 10 17.47 -8.04 25.44
N LEU A 11 17.71 -7.60 26.67
CA LEU A 11 16.80 -7.70 27.80
C LEU A 11 16.39 -6.29 28.29
N ILE A 12 15.15 -6.15 28.74
CA ILE A 12 14.66 -5.04 29.58
C ILE A 12 13.73 -5.62 30.65
N GLN A 13 12.84 -4.77 31.18
CA GLN A 13 11.94 -4.93 32.32
C GLN A 13 10.57 -4.28 32.00
N PRO A 14 9.48 -4.57 32.73
CA PRO A 14 8.37 -3.64 32.93
C PRO A 14 8.79 -2.24 33.50
N GLY A 15 8.13 -1.23 32.92
CA GLY A 15 8.45 0.20 32.89
C GLY A 15 9.27 0.67 31.68
N GLY A 16 10.35 -0.03 31.36
CA GLY A 16 11.46 0.44 30.52
C GLY A 16 11.24 0.50 29.02
N SER A 17 12.35 0.73 28.31
CA SER A 17 12.42 0.98 26.85
C SER A 17 13.72 0.46 26.23
N LEU A 18 13.71 0.20 24.91
CA LEU A 18 14.84 -0.31 24.09
C LEU A 18 14.84 0.32 22.68
N ARG A 19 15.90 0.12 21.88
CA ARG A 19 15.95 0.55 20.46
C ARG A 19 16.65 -0.49 19.58
N LEU A 20 15.92 -1.09 18.64
CA LEU A 20 16.49 -1.99 17.63
C LEU A 20 17.12 -1.23 16.46
N SER A 21 17.98 -1.94 15.71
CA SER A 21 18.69 -1.44 14.53
C SER A 21 18.64 -2.48 13.40
N CYS A 22 18.79 -2.06 12.15
CA CYS A 22 19.02 -2.94 11.01
C CYS A 22 19.90 -2.29 9.94
N THR A 23 20.64 -3.10 9.18
CA THR A 23 21.49 -2.71 8.03
C THR A 23 21.23 -3.64 6.84
N ALA A 24 21.61 -3.25 5.62
CA ALA A 24 21.35 -4.02 4.42
C ALA A 24 22.58 -4.14 3.50
N SER A 25 22.78 -5.31 2.91
CA SER A 25 24.00 -5.63 2.15
C SER A 25 24.12 -4.87 0.81
N GLU A 26 23.13 -4.98 -0.08
CA GLU A 26 23.13 -4.42 -1.45
C GLU A 26 21.84 -3.67 -1.82
N LEU A 27 21.17 -3.07 -0.83
CA LEU A 27 20.05 -2.15 -1.06
C LEU A 27 20.14 -0.92 -0.18
N ILE A 28 19.48 0.15 -0.62
CA ILE A 28 19.52 1.45 0.06
C ILE A 28 18.27 1.58 0.91
N ILE A 29 18.39 1.51 2.24
CA ILE A 29 17.25 1.47 3.17
C ILE A 29 16.34 2.70 3.03
N SER A 30 16.87 3.88 2.69
CA SER A 30 16.04 5.06 2.44
C SER A 30 15.19 4.95 1.16
N ARG A 31 15.63 4.22 0.14
CA ARG A 31 14.89 4.09 -1.13
C ARG A 31 13.80 3.03 -1.10
N ASN A 32 13.82 2.12 -0.12
CA ASN A 32 12.94 0.96 -0.05
C ASN A 32 11.76 1.18 0.90
N TYR A 33 10.69 0.42 0.73
CA TYR A 33 9.70 0.23 1.79
C TYR A 33 10.28 -0.71 2.84
N MET A 34 10.34 -0.28 4.08
CA MET A 34 10.93 -1.05 5.18
C MET A 34 9.97 -1.14 6.33
N SER A 35 9.84 -2.30 6.96
CA SER A 35 8.95 -2.52 8.09
C SER A 35 9.61 -3.29 9.23
N TRP A 36 8.94 -3.28 10.36
CA TRP A 36 9.19 -4.18 11.47
C TRP A 36 7.99 -5.10 11.66
N VAL A 37 8.24 -6.37 11.93
CA VAL A 37 7.24 -7.41 12.23
C VAL A 37 7.75 -8.20 13.42
N ARG A 38 6.91 -8.58 14.38
CA ARG A 38 7.34 -9.41 15.53
C ARG A 38 6.60 -10.71 15.63
N GLN A 39 7.23 -11.68 16.27
CA GLN A 39 6.72 -13.03 16.47
C GLN A 39 7.07 -13.47 17.89
N ALA A 40 6.10 -13.40 18.80
CA ALA A 40 6.28 -13.91 20.16
C ALA A 40 6.29 -15.45 20.16
N PRO A 41 6.99 -16.11 21.11
CA PRO A 41 6.98 -17.56 21.20
C PRO A 41 5.55 -18.07 21.42
N GLY A 42 5.15 -19.07 20.64
CA GLY A 42 3.80 -19.66 20.68
C GLY A 42 2.67 -18.75 20.17
N LYS A 43 2.98 -17.71 19.37
CA LYS A 43 2.02 -16.74 18.81
C LYS A 43 2.32 -16.40 17.35
N GLY A 44 1.33 -15.84 16.65
CA GLY A 44 1.43 -15.43 15.24
C GLY A 44 2.27 -14.18 14.99
N LEU A 45 2.54 -13.90 13.71
CA LEU A 45 3.21 -12.67 13.25
C LEU A 45 2.33 -11.44 13.47
N GLU A 46 2.89 -10.38 14.04
CA GLU A 46 2.27 -9.05 14.12
C GLU A 46 3.11 -8.07 13.31
N TRP A 47 2.55 -7.49 12.26
CA TRP A 47 3.16 -6.36 11.57
C TRP A 47 3.05 -5.11 12.46
N LEU A 48 4.14 -4.38 12.62
CA LEU A 48 4.25 -3.30 13.59
C LEU A 48 4.12 -1.94 12.94
N SER A 49 5.03 -1.65 12.01
CA SER A 49 5.21 -0.31 11.46
C SER A 49 6.01 -0.35 10.18
N VAL A 50 5.87 0.68 9.34
CA VAL A 50 6.53 0.82 8.03
C VAL A 50 7.01 2.24 7.85
N ILE A 51 8.10 2.42 7.12
CA ILE A 51 8.51 3.68 6.55
C ILE A 51 8.60 3.54 5.03
N TYR A 52 7.86 4.38 4.31
CA TYR A 52 7.85 4.44 2.86
C TYR A 52 9.12 5.11 2.34
N PRO A 53 9.46 5.03 1.04
CA PRO A 53 10.69 5.62 0.50
C PRO A 53 10.85 7.10 0.84
N GLY A 54 9.82 7.93 0.62
CA GLY A 54 9.86 9.36 0.96
C GLY A 54 9.65 9.69 2.44
N GLY A 55 9.74 8.70 3.33
CA GLY A 55 9.77 8.91 4.77
C GLY A 55 8.40 8.96 5.47
N SER A 56 7.29 8.86 4.73
CA SER A 56 5.97 8.68 5.35
C SER A 56 5.96 7.40 6.19
N SER A 57 5.37 7.41 7.39
CA SER A 57 5.44 6.25 8.29
C SER A 57 4.16 5.99 9.08
N PHE A 58 3.87 4.70 9.32
CA PHE A 58 2.56 4.21 9.75
C PHE A 58 2.69 3.08 10.78
N TYR A 59 1.64 2.80 11.56
CA TYR A 59 1.69 1.94 12.75
C TYR A 59 0.40 1.16 12.97
N THR A 60 0.50 -0.03 13.55
CA THR A 60 -0.67 -0.81 13.99
C THR A 60 -1.31 -0.22 15.25
N ASP A 61 -2.64 -0.24 15.33
CA ASP A 61 -3.42 0.32 16.45
C ASP A 61 -3.06 -0.25 17.83
N SER A 62 -2.49 -1.45 17.89
CA SER A 62 -1.98 -2.09 19.11
C SER A 62 -0.84 -1.32 19.77
N LEU A 63 -0.10 -0.49 19.02
CA LEU A 63 1.20 0.07 19.42
C LEU A 63 1.41 1.55 19.08
N LYS A 64 0.39 2.23 18.53
CA LYS A 64 0.42 3.68 18.26
C LYS A 64 0.83 4.47 19.50
N GLY A 65 2.00 5.12 19.41
CA GLY A 65 2.62 5.91 20.47
C GLY A 65 3.58 5.15 21.39
N ARG A 66 3.54 3.81 21.44
CA ARG A 66 4.54 3.02 22.20
C ARG A 66 5.85 2.87 21.43
N PHE A 67 5.79 2.47 20.17
CA PHE A 67 6.96 2.27 19.31
C PHE A 67 7.01 3.30 18.18
N THR A 68 8.20 3.63 17.69
CA THR A 68 8.43 4.70 16.71
C THR A 68 9.52 4.31 15.72
N ILE A 69 9.14 4.09 14.45
CA ILE A 69 10.09 3.76 13.39
C ILE A 69 10.78 5.02 12.89
N SER A 70 12.05 4.90 12.54
CA SER A 70 12.88 5.96 11.99
C SER A 70 14.07 5.33 11.28
N ARG A 71 14.82 6.11 10.49
CA ARG A 71 15.98 5.62 9.76
C ARG A 71 17.10 6.65 9.78
N ASP A 72 18.31 6.23 9.46
CA ASP A 72 19.39 7.15 9.08
C ASP A 72 19.93 6.80 7.70
N ASN A 73 19.67 7.70 6.76
CA ASN A 73 20.06 7.56 5.36
C ASN A 73 21.59 7.48 5.21
N SER A 74 22.34 8.16 6.07
CA SER A 74 23.79 8.28 5.96
C SER A 74 24.51 6.98 6.32
N LYS A 75 24.01 6.27 7.33
CA LYS A 75 24.52 4.98 7.84
C LYS A 75 23.96 3.77 7.07
N ASN A 76 22.98 3.99 6.18
CA ASN A 76 22.19 2.99 5.45
C ASN A 76 21.42 2.05 6.39
N THR A 77 20.79 2.59 7.42
CA THR A 77 20.25 1.84 8.56
C THR A 77 18.86 2.25 8.98
N LEU A 78 18.16 1.36 9.66
CA LEU A 78 16.77 1.48 10.11
C LEU A 78 16.71 1.28 11.63
N TYR A 79 15.80 1.95 12.33
CA TYR A 79 15.71 1.91 13.78
C TYR A 79 14.26 1.78 14.24
N LEU A 80 14.01 0.99 15.29
CA LEU A 80 12.72 0.94 15.96
C LEU A 80 12.93 1.31 17.41
N GLN A 81 12.63 2.56 17.73
CA GLN A 81 12.61 3.05 19.10
C GLN A 81 11.38 2.46 19.77
N MET A 82 11.55 1.75 20.88
CA MET A 82 10.58 0.79 21.37
C MET A 82 10.35 1.03 22.86
N ASN A 83 9.40 1.90 23.18
CA ASN A 83 9.27 2.45 24.52
C ASN A 83 8.11 1.84 25.31
N ARG A 84 8.17 2.02 26.65
CA ARG A 84 7.07 1.74 27.58
C ARG A 84 6.56 0.28 27.44
N LEU A 85 7.48 -0.66 27.54
CA LEU A 85 7.26 -2.09 27.31
C LEU A 85 6.50 -2.81 28.45
N GLY A 86 5.94 -3.98 28.14
CA GLY A 86 5.44 -4.98 29.09
C GLY A 86 6.06 -6.36 28.86
N VAL A 87 5.87 -7.32 29.76
CA VAL A 87 6.44 -8.69 29.60
C VAL A 87 6.07 -9.34 28.27
N GLU A 88 4.84 -9.11 27.81
CA GLU A 88 4.26 -9.64 26.57
C GLU A 88 4.84 -9.02 25.28
N ASP A 89 5.60 -7.92 25.36
CA ASP A 89 6.34 -7.40 24.20
C ASP A 89 7.63 -8.19 23.89
N THR A 90 7.93 -9.23 24.68
CA THR A 90 8.96 -10.23 24.39
C THR A 90 8.68 -10.96 23.09
N ALA A 91 9.59 -10.90 22.12
CA ALA A 91 9.45 -11.56 20.82
C ALA A 91 10.77 -11.57 20.05
N ILE A 92 10.87 -12.38 18.98
CA ILE A 92 11.76 -12.04 17.88
C ILE A 92 11.13 -10.90 17.09
N TYR A 93 11.91 -9.87 16.77
CA TYR A 93 11.55 -8.78 15.90
C TYR A 93 12.35 -8.93 14.61
N TYR A 94 11.66 -8.89 13.47
CA TYR A 94 12.22 -8.99 12.14
C TYR A 94 12.19 -7.62 11.49
N CYS A 95 13.30 -7.23 10.88
CA CYS A 95 13.30 -6.19 9.87
C CYS A 95 12.97 -6.82 8.52
N VAL A 96 12.12 -6.17 7.73
CA VAL A 96 11.72 -6.66 6.41
C VAL A 96 11.64 -5.54 5.40
N ARG A 97 12.14 -5.80 4.21
CA ARG A 97 12.10 -4.93 3.03
C ARG A 97 11.12 -5.51 2.03
N ASP A 98 10.24 -4.69 1.47
CA ASP A 98 9.26 -5.14 0.47
C ASP A 98 9.39 -4.43 -0.88
N ALA A 99 9.16 -5.18 -1.95
CA ALA A 99 8.98 -4.72 -3.32
C ALA A 99 7.80 -5.48 -3.94
N PRO A 100 7.24 -5.11 -5.10
CA PRO A 100 6.00 -5.69 -5.60
C PRO A 100 5.99 -7.21 -5.67
N SER A 101 7.12 -7.81 -6.06
CA SER A 101 7.30 -9.24 -6.31
C SER A 101 8.28 -9.92 -5.36
N GLU A 102 8.79 -9.22 -4.36
CA GLU A 102 9.90 -9.67 -3.50
C GLU A 102 9.70 -9.16 -2.08
N SER A 103 10.11 -9.93 -1.08
CA SER A 103 10.01 -9.54 0.32
C SER A 103 11.16 -10.17 1.08
N ASP A 104 12.13 -9.34 1.48
CA ASP A 104 13.41 -9.75 2.04
C ASP A 104 13.42 -9.50 3.54
N TRP A 105 13.50 -10.58 4.29
CA TRP A 105 13.44 -10.58 5.75
C TRP A 105 14.85 -10.78 6.31
N GLY A 106 15.18 -10.04 7.36
CA GLY A 106 16.37 -10.33 8.13
C GLY A 106 16.19 -11.54 9.03
N GLN A 107 17.28 -12.03 9.62
CA GLN A 107 17.26 -13.24 10.44
C GLN A 107 16.43 -13.09 11.73
N GLY A 108 16.08 -11.86 12.10
CA GLY A 108 15.35 -11.53 13.32
C GLY A 108 16.27 -11.42 14.52
N THR A 109 15.87 -10.62 15.49
CA THR A 109 16.59 -10.43 16.75
C THR A 109 15.64 -10.57 17.94
N LEU A 110 16.07 -11.27 18.98
CA LEU A 110 15.28 -11.41 20.21
C LEU A 110 15.24 -10.10 21.01
N VAL A 111 14.09 -9.81 21.61
CA VAL A 111 13.91 -8.88 22.72
C VAL A 111 13.14 -9.62 23.81
N THR A 112 13.58 -9.52 25.06
CA THR A 112 12.92 -10.12 26.24
C THR A 112 12.66 -9.08 27.32
N VAL A 113 11.50 -9.12 27.97
CA VAL A 113 11.04 -8.18 29.01
C VAL A 113 10.61 -8.96 30.26
N SER A 114 11.27 -8.84 31.42
CA SER A 114 10.87 -9.56 32.64
C SER A 114 11.54 -9.01 33.94
N SER A 115 11.75 -9.90 34.93
CA SER A 115 12.60 -9.73 36.14
C SER A 115 13.64 -10.84 36.35
N GLU B 1 -10.81 -3.08 9.51
CA GLU B 1 -9.79 -4.13 9.75
C GLU B 1 -10.21 -5.47 9.14
N ILE B 2 -9.26 -6.27 8.66
CA ILE B 2 -9.49 -7.62 8.12
C ILE B 2 -8.81 -8.66 9.03
N VAL B 3 -9.40 -9.84 9.18
CA VAL B 3 -8.77 -11.01 9.82
C VAL B 3 -8.83 -12.24 8.91
N LEU B 4 -7.79 -13.07 8.95
CA LEU B 4 -7.63 -14.22 8.06
C LEU B 4 -7.66 -15.54 8.83
N THR B 5 -8.51 -16.45 8.37
CA THR B 5 -8.66 -17.79 8.94
C THR B 5 -7.98 -18.79 8.01
N GLN B 6 -7.06 -19.61 8.52
CA GLN B 6 -6.45 -20.68 7.74
C GLN B 6 -6.99 -22.05 8.15
N SER B 7 -7.18 -22.91 7.16
CA SER B 7 -7.58 -24.31 7.33
C SER B 7 -6.69 -25.24 6.47
N PRO B 8 -6.27 -26.42 6.99
CA PRO B 8 -6.39 -26.84 8.40
C PRO B 8 -5.45 -26.05 9.32
N ALA B 9 -5.45 -26.35 10.62
CA ALA B 9 -4.40 -25.91 11.54
C ALA B 9 -3.09 -26.70 11.31
N THR B 10 -3.16 -28.04 11.33
CA THR B 10 -2.05 -28.92 10.97
C THR B 10 -2.48 -29.89 9.88
N LEU B 11 -1.76 -29.92 8.78
CA LEU B 11 -1.85 -30.92 7.74
C LEU B 11 -0.91 -32.11 8.07
N SER B 12 -1.23 -33.32 7.63
CA SER B 12 -0.44 -34.52 7.92
C SER B 12 -0.38 -35.50 6.75
N LEU B 13 0.04 -34.98 5.60
CA LEU B 13 0.33 -35.77 4.38
C LEU B 13 1.77 -36.29 4.37
N PHE B 14 2.03 -37.33 3.59
CA PHE B 14 3.38 -37.83 3.31
C PHE B 14 4.06 -37.05 2.17
N PRO B 15 5.40 -37.13 2.04
CA PRO B 15 6.10 -36.62 0.87
C PRO B 15 5.58 -37.23 -0.44
N GLY B 16 5.69 -36.48 -1.53
CA GLY B 16 5.17 -36.84 -2.86
C GLY B 16 3.75 -36.36 -3.13
N GLU B 17 2.88 -36.28 -2.13
CA GLU B 17 1.47 -35.95 -2.30
C GLU B 17 1.23 -34.49 -2.74
N ARG B 18 0.16 -34.25 -3.51
CA ARG B 18 -0.36 -32.89 -3.79
C ARG B 18 -1.05 -32.34 -2.54
N ALA B 19 -0.80 -31.08 -2.20
CA ALA B 19 -1.30 -30.42 -0.98
C ALA B 19 -2.05 -29.13 -1.29
N THR B 20 -3.13 -28.86 -0.55
CA THR B 20 -3.85 -27.59 -0.61
C THR B 20 -3.96 -26.97 0.78
N LEU B 21 -3.54 -25.72 0.90
CA LEU B 21 -3.62 -24.92 2.12
C LEU B 21 -4.60 -23.78 1.88
N SER B 22 -5.58 -23.61 2.75
CA SER B 22 -6.74 -22.74 2.56
C SER B 22 -6.71 -21.55 3.51
N CYS B 23 -7.12 -20.40 2.98
CA CYS B 23 -7.24 -19.11 3.65
C CYS B 23 -8.59 -18.49 3.31
N ARG B 24 -9.31 -17.97 4.32
CA ARG B 24 -10.57 -17.25 4.14
C ARG B 24 -10.48 -15.88 4.81
N ALA B 25 -11.02 -14.85 4.16
CA ALA B 25 -10.92 -13.47 4.58
C ALA B 25 -12.25 -12.94 5.15
N SER B 26 -12.19 -12.17 6.24
CA SER B 26 -13.37 -11.55 6.85
C SER B 26 -13.98 -10.41 6.01
N GLN B 27 -13.31 -9.98 4.93
CA GLN B 27 -13.78 -9.01 3.95
C GLN B 27 -13.42 -9.47 2.53
N ASN B 28 -14.10 -8.96 1.51
CA ASN B 28 -13.71 -9.18 0.12
C ASN B 28 -12.46 -8.33 -0.22
N ILE B 29 -11.28 -8.93 -0.06
CA ILE B 29 -9.96 -8.29 -0.30
C ILE B 29 -9.47 -8.43 -1.75
N GLY B 30 -10.35 -8.70 -2.70
CA GLY B 30 -9.99 -8.77 -4.12
C GLY B 30 -8.89 -9.81 -4.38
N HIS B 31 -7.81 -9.43 -5.04
CA HIS B 31 -6.63 -10.29 -5.21
C HIS B 31 -5.47 -9.95 -4.23
N PHE B 32 -5.66 -9.06 -3.27
CA PHE B 32 -4.58 -8.48 -2.46
C PHE B 32 -4.11 -9.40 -1.32
N LEU B 33 -3.50 -10.52 -1.66
CA LEU B 33 -3.08 -11.52 -0.68
C LEU B 33 -1.71 -12.14 -1.02
N THR B 34 -1.02 -12.57 0.03
CA THR B 34 0.36 -13.03 0.06
C THR B 34 0.41 -14.37 0.73
N TRP B 35 1.30 -15.28 0.35
CA TRP B 35 1.65 -16.44 1.18
C TRP B 35 3.14 -16.49 1.46
N TYR B 36 3.51 -16.79 2.69
CA TYR B 36 4.87 -17.00 3.15
C TYR B 36 5.06 -18.42 3.68
N GLN B 37 6.22 -19.00 3.40
CA GLN B 37 6.77 -20.18 4.08
C GLN B 37 7.51 -19.75 5.36
N GLN B 38 7.63 -20.62 6.36
CA GLN B 38 8.57 -20.43 7.46
C GLN B 38 9.06 -21.77 8.01
N LYS B 39 10.35 -22.05 7.83
CA LYS B 39 11.05 -23.17 8.48
C LYS B 39 11.27 -22.84 9.96
N PRO B 40 11.26 -23.82 10.89
CA PRO B 40 11.54 -23.56 12.30
C PRO B 40 12.89 -22.86 12.50
N GLY B 41 12.90 -21.76 13.26
CA GLY B 41 14.07 -20.94 13.54
C GLY B 41 14.52 -20.00 12.40
N GLN B 42 14.02 -20.15 11.18
CA GLN B 42 14.22 -19.18 10.11
C GLN B 42 13.18 -18.05 10.16
N ALA B 43 13.52 -16.92 9.54
CA ALA B 43 12.54 -15.89 9.19
C ALA B 43 11.60 -16.37 8.07
N PRO B 44 10.38 -15.84 7.96
CA PRO B 44 9.50 -16.11 6.83
C PRO B 44 10.11 -15.81 5.45
N ARG B 45 9.58 -16.47 4.41
CA ARG B 45 9.98 -16.37 3.00
C ARG B 45 8.74 -16.20 2.14
N LEU B 46 8.72 -15.27 1.20
CA LEU B 46 7.61 -15.10 0.26
C LEU B 46 7.50 -16.26 -0.73
N LEU B 47 6.32 -16.87 -0.87
CA LEU B 47 5.99 -17.87 -1.89
C LEU B 47 5.18 -17.24 -3.03
N ILE B 48 4.01 -16.71 -2.68
CA ILE B 48 2.98 -16.24 -3.59
C ILE B 48 2.64 -14.80 -3.26
N TYR B 49 2.37 -13.99 -4.27
CA TYR B 49 1.87 -12.62 -4.12
C TYR B 49 0.71 -12.36 -5.07
N ASP B 50 -0.11 -11.36 -4.75
CA ASP B 50 -1.34 -11.03 -5.48
C ASP B 50 -2.20 -12.28 -5.74
N ALA B 51 -2.43 -13.02 -4.68
CA ALA B 51 -3.18 -14.27 -4.59
C ALA B 51 -2.68 -15.45 -5.45
N SER B 52 -1.76 -15.23 -6.39
CA SER B 52 -1.59 -16.15 -7.52
C SER B 52 -0.24 -16.08 -8.24
N ASN B 53 0.49 -14.98 -8.19
CA ASN B 53 1.82 -14.87 -8.77
C ASN B 53 2.84 -15.61 -7.90
N ARG B 54 3.88 -16.21 -8.48
CA ARG B 54 4.94 -16.93 -7.76
C ARG B 54 6.20 -16.07 -7.70
N ALA B 55 6.77 -15.90 -6.50
CA ALA B 55 7.97 -15.09 -6.29
C ALA B 55 9.23 -15.72 -6.91
N THR B 56 10.22 -14.90 -7.25
CA THR B 56 11.45 -15.36 -7.91
C THR B 56 12.22 -16.37 -7.05
N GLY B 57 12.70 -17.46 -7.66
CA GLY B 57 13.43 -18.54 -6.98
C GLY B 57 12.56 -19.57 -6.24
N VAL B 58 11.27 -19.32 -6.04
CA VAL B 58 10.32 -20.34 -5.54
C VAL B 58 10.10 -21.41 -6.61
N PRO B 59 10.12 -22.71 -6.27
CA PRO B 59 9.99 -23.76 -7.28
C PRO B 59 8.57 -23.82 -7.85
N ALA B 60 8.46 -24.21 -9.12
CA ALA B 60 7.23 -24.16 -9.91
C ALA B 60 6.08 -25.01 -9.35
N ARG B 61 6.39 -25.94 -8.42
CA ARG B 61 5.39 -26.75 -7.73
C ARG B 61 4.39 -25.94 -6.90
N PHE B 62 4.75 -24.76 -6.39
CA PHE B 62 3.82 -23.89 -5.67
C PHE B 62 2.95 -23.08 -6.63
N SER B 63 1.71 -22.83 -6.24
CA SER B 63 0.72 -22.06 -7.00
C SER B 63 -0.28 -21.42 -6.06
N GLY B 64 -0.92 -20.32 -6.49
CA GLY B 64 -1.96 -19.64 -5.75
C GLY B 64 -3.26 -19.54 -6.55
N SER B 65 -4.37 -19.86 -5.92
CA SER B 65 -5.70 -19.91 -6.53
C SER B 65 -6.77 -19.38 -5.57
N GLY B 66 -7.94 -19.03 -6.09
CA GLY B 66 -8.98 -18.31 -5.33
C GLY B 66 -8.79 -16.79 -5.39
N SER B 67 -9.82 -16.07 -4.93
CA SER B 67 -9.95 -14.63 -5.00
C SER B 67 -11.03 -14.13 -4.05
N GLU B 68 -11.08 -12.82 -3.84
CA GLU B 68 -12.13 -12.10 -3.12
C GLU B 68 -12.19 -12.42 -1.63
N THR B 69 -12.79 -13.53 -1.24
CA THR B 69 -12.99 -13.94 0.17
C THR B 69 -12.39 -15.31 0.49
N GLU B 70 -11.97 -16.07 -0.52
CA GLU B 70 -11.53 -17.46 -0.41
C GLU B 70 -10.25 -17.63 -1.22
N PHE B 71 -9.21 -18.22 -0.63
CA PHE B 71 -7.88 -18.32 -1.22
C PHE B 71 -7.21 -19.66 -0.87
N THR B 72 -6.37 -20.17 -1.75
CA THR B 72 -5.68 -21.43 -1.58
C THR B 72 -4.29 -21.40 -2.19
N LEU B 73 -3.28 -21.63 -1.35
CA LEU B 73 -1.96 -22.06 -1.76
C LEU B 73 -2.06 -23.54 -2.14
N THR B 74 -1.46 -23.96 -3.24
CA THR B 74 -1.46 -25.37 -3.64
C THR B 74 -0.11 -25.82 -4.16
N ILE B 75 0.34 -26.98 -3.71
CA ILE B 75 1.65 -27.57 -3.99
C ILE B 75 1.43 -28.85 -4.79
N SER B 76 1.96 -28.94 -6.01
CA SER B 76 1.71 -30.10 -6.89
C SER B 76 2.29 -31.41 -6.36
N SER B 77 3.33 -31.36 -5.53
CA SER B 77 3.94 -32.52 -4.86
C SER B 77 4.83 -32.07 -3.70
N LEU B 78 4.58 -32.55 -2.47
CA LEU B 78 5.40 -32.22 -1.30
C LEU B 78 6.82 -32.80 -1.39
N GLY B 79 7.83 -31.95 -1.52
CA GLY B 79 9.21 -32.33 -1.16
C GLY B 79 9.35 -32.50 0.37
N PRO B 80 10.28 -33.33 0.88
CA PRO B 80 10.49 -33.45 2.33
C PRO B 80 10.86 -32.12 2.99
N GLU B 81 11.48 -31.21 2.24
CA GLU B 81 11.81 -29.85 2.66
C GLU B 81 10.61 -28.88 2.66
N ASP B 82 9.46 -29.25 2.08
CA ASP B 82 8.24 -28.45 2.09
C ASP B 82 7.44 -28.57 3.41
N PHE B 83 7.82 -29.49 4.28
CA PHE B 83 7.27 -29.58 5.64
C PHE B 83 7.70 -28.34 6.44
N ALA B 84 6.75 -27.45 6.73
CA ALA B 84 6.99 -26.10 7.23
C ALA B 84 5.70 -25.52 7.86
N VAL B 85 5.79 -24.31 8.44
CA VAL B 85 4.61 -23.48 8.73
C VAL B 85 4.36 -22.53 7.55
N TYR B 86 3.11 -22.34 7.16
CA TYR B 86 2.70 -21.46 6.06
C TYR B 86 1.74 -20.38 6.56
N TYR B 87 2.02 -19.11 6.24
CA TYR B 87 1.22 -17.96 6.63
C TYR B 87 0.65 -17.26 5.40
N CYS B 88 -0.65 -16.99 5.37
CA CYS B 88 -1.22 -16.00 4.47
C CYS B 88 -1.14 -14.60 5.10
N GLN B 89 -1.18 -13.55 4.28
CA GLN B 89 -1.31 -12.16 4.72
C GLN B 89 -2.09 -11.37 3.68
N GLU B 90 -3.05 -10.55 4.11
CA GLU B 90 -3.69 -9.59 3.21
C GLU B 90 -2.74 -8.40 3.00
N ARG B 91 -2.57 -7.95 1.77
CA ARG B 91 -1.69 -6.83 1.42
C ARG B 91 -2.47 -5.70 0.74
N SER B 92 -3.71 -5.48 1.15
CA SER B 92 -4.60 -4.48 0.54
C SER B 92 -4.25 -3.04 0.91
N ASP B 93 -3.44 -2.83 1.95
CA ASP B 93 -2.67 -1.60 2.15
C ASP B 93 -1.17 -1.92 2.17
N TRP B 94 -0.67 -2.50 1.07
CA TRP B 94 0.72 -2.97 0.96
C TRP B 94 1.74 -1.92 1.42
N PRO B 95 2.85 -2.30 2.07
CA PRO B 95 3.18 -3.65 2.50
C PRO B 95 2.54 -4.05 3.84
N ARG B 96 1.76 -3.15 4.46
CA ARG B 96 1.04 -3.41 5.72
C ARG B 96 -0.02 -4.50 5.50
N GLY B 97 -0.46 -5.10 6.60
CA GLY B 97 -1.70 -5.87 6.61
C GLY B 97 -1.64 -7.08 7.51
N THR B 98 -2.80 -7.59 7.93
CA THR B 98 -2.89 -8.67 8.92
C THR B 98 -2.47 -10.01 8.34
N PHE B 99 -1.85 -10.83 9.19
CA PHE B 99 -1.47 -12.21 8.88
C PHE B 99 -2.55 -13.20 9.35
N GLY B 100 -2.56 -14.39 8.77
CA GLY B 100 -3.26 -15.54 9.35
C GLY B 100 -2.57 -16.08 10.61
N GLN B 101 -3.24 -17.00 11.33
CA GLN B 101 -2.64 -17.71 12.47
C GLN B 101 -1.63 -18.80 12.05
N GLY B 102 -1.50 -19.08 10.76
CA GLY B 102 -0.56 -20.05 10.19
C GLY B 102 -1.04 -21.50 10.23
N THR B 103 -0.48 -22.32 9.33
CA THR B 103 -0.78 -23.76 9.18
C THR B 103 0.52 -24.56 9.18
N LYS B 104 0.61 -25.68 9.91
CA LYS B 104 1.79 -26.57 9.96
C LYS B 104 1.63 -27.79 9.03
N VAL B 105 2.73 -28.45 8.68
CA VAL B 105 2.73 -29.85 8.21
C VAL B 105 3.56 -30.74 9.17
N GLU B 106 3.01 -31.83 9.73
CA GLU B 106 3.71 -32.80 10.62
C GLU B 106 3.06 -34.20 10.55
N ILE B 107 3.74 -35.32 10.90
CA ILE B 107 3.14 -36.69 10.83
C ILE B 107 3.24 -37.54 12.13
N LYS B 108 4.45 -37.97 12.51
CA LYS B 108 4.80 -38.91 13.59
C LYS B 108 6.19 -38.59 14.15
N LEU C 1 -21.97 26.72 -21.56
CA LEU C 1 -21.43 27.49 -20.41
C LEU C 1 -19.93 27.22 -20.23
N CYS C 2 -19.59 26.09 -19.59
CA CYS C 2 -18.28 25.71 -19.10
C CYS C 2 -18.05 24.20 -19.25
N PRO C 3 -16.80 23.73 -19.26
CA PRO C 3 -16.50 22.34 -19.54
C PRO C 3 -16.87 21.36 -18.42
N PHE C 4 -17.24 21.82 -17.21
CA PHE C 4 -17.38 20.95 -16.03
C PHE C 4 -18.25 19.74 -16.29
N GLY C 5 -19.47 19.92 -16.78
CA GLY C 5 -20.36 18.81 -17.09
C GLY C 5 -19.80 17.83 -18.12
N GLU C 6 -18.89 18.25 -19.00
CA GLU C 6 -18.16 17.38 -19.94
C GLU C 6 -16.97 16.65 -19.30
N VAL C 7 -16.25 17.28 -18.36
CA VAL C 7 -15.22 16.62 -17.53
C VAL C 7 -15.86 15.54 -16.67
N PHE C 8 -17.02 15.79 -16.06
CA PHE C 8 -17.78 14.77 -15.34
C PHE C 8 -18.40 13.72 -16.27
N ASN C 9 -19.23 14.10 -17.26
CA ASN C 9 -19.82 13.18 -18.25
C ASN C 9 -18.79 12.83 -19.37
N ALA C 10 -17.51 12.59 -19.03
CA ALA C 10 -16.46 12.14 -19.96
C ALA C 10 -16.38 10.61 -20.07
N THR C 11 -16.05 10.09 -21.25
CA THR C 11 -15.86 8.64 -21.46
C THR C 11 -14.50 8.15 -20.97
N ARG C 12 -13.40 8.63 -21.57
CA ARG C 12 -12.01 8.34 -21.15
C ARG C 12 -11.62 9.15 -19.90
N PHE C 13 -10.69 8.62 -19.11
CA PHE C 13 -10.17 9.24 -17.88
C PHE C 13 -8.69 8.89 -17.70
N ALA C 14 -7.93 9.69 -16.94
CA ALA C 14 -6.47 9.56 -16.84
C ALA C 14 -5.99 8.69 -15.67
N SER C 15 -4.84 8.06 -15.80
CA SER C 15 -4.15 7.40 -14.68
C SER C 15 -3.61 8.42 -13.68
N VAL C 16 -3.69 8.16 -12.38
CA VAL C 16 -3.32 9.16 -11.36
C VAL C 16 -1.86 9.59 -11.41
N TYR C 17 -0.92 8.75 -11.83
CA TYR C 17 0.50 9.16 -11.93
C TYR C 17 0.73 10.25 -12.99
N ALA C 18 -0.18 10.32 -13.97
CA ALA C 18 -0.18 11.26 -15.07
C ALA C 18 -1.50 12.06 -15.08
N TRP C 19 -1.96 12.46 -13.90
CA TRP C 19 -3.25 13.13 -13.68
C TRP C 19 -3.45 14.30 -14.63
N ASN C 20 -4.62 14.39 -15.25
CA ASN C 20 -4.83 15.31 -16.36
C ASN C 20 -5.64 16.53 -15.92
N ARG C 21 -5.09 17.72 -16.17
CA ARG C 21 -5.62 19.02 -15.76
C ARG C 21 -6.35 19.71 -16.91
N LYS C 22 -7.52 20.27 -16.64
CA LYS C 22 -8.20 21.24 -17.50
C LYS C 22 -8.06 22.63 -16.87
N ARG C 23 -7.55 23.60 -17.60
CA ARG C 23 -7.61 25.05 -17.30
C ARG C 23 -9.00 25.53 -17.71
N ILE C 24 -9.73 26.19 -16.82
CA ILE C 24 -11.05 26.77 -17.07
C ILE C 24 -10.97 28.29 -16.96
N SER C 25 -11.65 28.97 -17.90
CA SER C 25 -11.74 30.41 -18.08
C SER C 25 -12.88 30.70 -19.05
N ASN C 26 -13.09 31.96 -19.44
CA ASN C 26 -14.12 32.39 -20.41
C ASN C 26 -15.57 32.05 -19.90
N CYS C 27 -15.76 31.93 -18.58
CA CYS C 27 -16.80 31.06 -17.98
C CYS C 27 -17.80 31.72 -17.01
N VAL C 28 -18.84 30.95 -16.70
CA VAL C 28 -20.10 31.36 -16.05
C VAL C 28 -20.83 30.15 -15.38
N ALA C 29 -20.06 29.27 -14.71
CA ALA C 29 -20.41 27.87 -14.39
C ALA C 29 -21.47 27.64 -13.30
N ASP C 30 -22.45 26.75 -13.52
CA ASP C 30 -23.45 26.39 -12.50
C ASP C 30 -23.04 25.20 -11.61
N TYR C 31 -22.34 25.52 -10.52
CA TYR C 31 -21.95 24.56 -9.50
C TYR C 31 -23.14 23.87 -8.81
N SER C 32 -24.35 24.43 -8.85
CA SER C 32 -25.49 23.79 -8.21
C SER C 32 -25.87 22.51 -8.93
N VAL C 33 -25.72 22.44 -10.25
CA VAL C 33 -25.91 21.20 -11.01
C VAL C 33 -24.90 20.13 -10.60
N LEU C 34 -23.66 20.53 -10.25
CA LEU C 34 -22.67 19.62 -9.69
C LEU C 34 -23.13 19.07 -8.34
N TYR C 35 -23.40 19.91 -7.34
CA TYR C 35 -23.79 19.38 -6.02
C TYR C 35 -25.20 18.74 -5.99
N ASN C 36 -26.02 18.95 -7.01
CA ASN C 36 -27.25 18.17 -7.25
C ASN C 36 -26.98 16.71 -7.68
N SER C 37 -25.73 16.33 -8.00
CA SER C 37 -25.41 15.00 -8.55
C SER C 37 -25.83 13.82 -7.65
N ALA C 38 -26.51 12.84 -8.23
CA ALA C 38 -26.84 11.58 -7.56
C ALA C 38 -25.70 10.55 -7.64
N SER C 39 -24.77 10.69 -8.59
CA SER C 39 -23.64 9.77 -8.76
C SER C 39 -22.50 10.05 -7.77
N PHE C 40 -22.29 11.30 -7.35
CA PHE C 40 -21.15 11.69 -6.53
C PHE C 40 -21.21 11.06 -5.14
N SER C 41 -20.38 10.04 -4.93
CA SER C 41 -20.14 9.40 -3.64
C SER C 41 -19.48 10.35 -2.64
N THR C 42 -18.64 11.26 -3.15
CA THR C 42 -17.88 12.25 -2.38
C THR C 42 -17.95 13.62 -3.04
N PHE C 43 -18.14 14.68 -2.26
CA PHE C 43 -18.10 16.08 -2.70
C PHE C 43 -17.54 16.95 -1.57
N LYS C 44 -16.30 16.70 -1.13
CA LYS C 44 -15.68 17.49 -0.06
C LYS C 44 -15.34 18.89 -0.58
N CYS C 45 -15.38 19.91 0.28
CA CYS C 45 -14.88 21.24 -0.05
C CYS C 45 -14.10 21.83 1.12
N TYR C 46 -13.10 22.64 0.80
CA TYR C 46 -12.17 23.25 1.75
C TYR C 46 -12.06 24.75 1.46
N GLY C 47 -12.08 25.55 2.51
CA GLY C 47 -12.31 27.00 2.42
C GLY C 47 -13.78 27.32 2.08
N VAL C 48 -14.20 27.02 0.85
CA VAL C 48 -15.56 27.25 0.34
C VAL C 48 -16.58 26.24 0.88
N SER C 49 -17.88 26.53 0.69
CA SER C 49 -18.99 25.60 0.92
C SER C 49 -19.86 25.50 -0.34
N PRO C 50 -20.41 24.33 -0.71
CA PRO C 50 -21.00 24.10 -2.02
C PRO C 50 -22.03 25.15 -2.45
N THR C 51 -22.90 25.59 -1.53
CA THR C 51 -23.95 26.56 -1.83
C THR C 51 -23.44 27.98 -2.05
N LYS C 52 -22.18 28.27 -1.70
CA LYS C 52 -21.59 29.60 -1.81
C LYS C 52 -20.98 29.86 -3.17
N LEU C 53 -20.61 28.85 -3.95
CA LEU C 53 -19.82 29.05 -5.17
C LEU C 53 -20.48 29.97 -6.21
N ASN C 54 -21.82 30.01 -6.35
CA ASN C 54 -22.46 31.00 -7.24
C ASN C 54 -22.25 32.46 -6.78
N ASP C 55 -21.89 32.73 -5.53
CA ASP C 55 -21.46 34.07 -5.10
C ASP C 55 -19.99 34.36 -5.43
N LEU C 56 -19.11 33.35 -5.50
CA LEU C 56 -17.68 33.57 -5.63
C LEU C 56 -17.24 33.59 -7.10
N CYS C 57 -16.69 34.71 -7.54
CA CYS C 57 -15.97 34.80 -8.81
C CYS C 57 -14.47 34.44 -8.65
N PHE C 58 -13.81 33.96 -9.71
CA PHE C 58 -12.38 33.59 -9.69
C PHE C 58 -11.66 33.85 -11.01
N THR C 59 -10.34 33.99 -10.98
CA THR C 59 -9.47 34.13 -12.18
C THR C 59 -9.52 32.91 -13.09
N ASN C 60 -9.68 31.74 -12.47
CA ASN C 60 -9.21 30.48 -12.99
C ASN C 60 -9.80 29.41 -12.08
N VAL C 61 -10.33 28.34 -12.67
CA VAL C 61 -10.41 27.05 -12.01
C VAL C 61 -9.47 26.10 -12.74
N TYR C 62 -8.72 25.29 -12.01
CA TYR C 62 -8.18 24.05 -12.57
C TYR C 62 -9.07 22.90 -12.13
N ALA C 63 -9.58 22.11 -13.08
CA ALA C 63 -10.19 20.82 -12.79
C ALA C 63 -9.17 19.71 -13.09
N ASP C 64 -8.74 18.98 -12.07
CA ASP C 64 -7.77 17.89 -12.19
C ASP C 64 -8.55 16.58 -12.17
N SER C 65 -8.26 15.67 -13.09
CA SER C 65 -9.04 14.45 -13.26
C SER C 65 -8.14 13.22 -13.33
N PHE C 66 -8.52 12.16 -12.62
CA PHE C 66 -7.78 10.90 -12.57
C PHE C 66 -8.63 9.77 -11.98
N VAL C 67 -8.20 8.51 -12.14
CA VAL C 67 -8.81 7.33 -11.51
C VAL C 67 -7.91 6.76 -10.43
N ILE C 68 -8.48 6.47 -9.26
CA ILE C 68 -7.82 5.79 -8.13
C ILE C 68 -8.71 4.74 -7.53
N ARG C 69 -8.15 3.90 -6.67
CA ARG C 69 -8.90 2.90 -5.91
C ARG C 69 -9.81 3.59 -4.89
N GLY C 70 -11.01 3.04 -4.67
CA GLY C 70 -12.08 3.69 -3.91
C GLY C 70 -11.79 4.06 -2.46
N ASP C 71 -10.93 3.33 -1.76
CA ASP C 71 -10.45 3.70 -0.42
C ASP C 71 -9.32 4.74 -0.45
N GLU C 72 -8.56 4.87 -1.53
CA GLU C 72 -7.52 5.89 -1.67
C GLU C 72 -8.08 7.31 -1.80
N VAL C 73 -9.38 7.45 -2.04
CA VAL C 73 -10.10 8.74 -1.99
C VAL C 73 -9.85 9.45 -0.65
N ARG C 74 -9.66 8.70 0.45
CA ARG C 74 -9.24 9.24 1.76
C ARG C 74 -8.04 10.18 1.67
N GLN C 75 -7.08 9.84 0.81
CA GLN C 75 -5.82 10.56 0.65
C GLN C 75 -5.95 11.84 -0.17
N ILE C 76 -7.06 12.07 -0.86
CA ILE C 76 -7.28 13.27 -1.65
C ILE C 76 -7.94 14.33 -0.76
N ALA C 77 -7.15 14.88 0.16
CA ALA C 77 -7.53 15.92 1.11
C ALA C 77 -6.29 16.74 1.48
N PRO C 78 -6.42 18.02 1.90
CA PRO C 78 -5.30 18.87 2.26
C PRO C 78 -4.30 18.20 3.21
N GLY C 79 -3.02 18.18 2.83
CA GLY C 79 -1.92 17.74 3.68
C GLY C 79 -1.86 16.23 4.01
N GLN C 80 -2.70 15.40 3.40
CA GLN C 80 -2.75 13.96 3.65
C GLN C 80 -1.47 13.20 3.27
N THR C 81 -1.36 11.96 3.74
CA THR C 81 -0.24 11.05 3.44
C THR C 81 -0.71 9.60 3.26
N GLY C 82 0.09 8.80 2.56
CA GLY C 82 -0.31 7.56 1.88
C GLY C 82 0.14 7.62 0.41
N LYS C 83 0.22 6.50 -0.29
CA LYS C 83 0.96 6.41 -1.57
C LYS C 83 0.54 7.42 -2.62
N ILE C 84 -0.75 7.69 -2.76
CA ILE C 84 -1.28 8.59 -3.78
C ILE C 84 -0.91 10.02 -3.45
N ALA C 85 -1.15 10.45 -2.22
CA ALA C 85 -0.77 11.78 -1.77
C ALA C 85 0.74 11.97 -1.77
N ASP C 86 1.49 10.95 -1.39
CA ASP C 86 2.94 11.01 -1.28
C ASP C 86 3.64 10.96 -2.64
N TYR C 87 3.14 10.18 -3.61
CA TYR C 87 3.88 9.86 -4.83
C TYR C 87 3.13 10.15 -6.13
N ASN C 88 1.89 10.63 -6.12
CA ASN C 88 1.12 10.89 -7.35
C ASN C 88 0.47 12.27 -7.40
N TYR C 89 -0.29 12.65 -6.37
CA TYR C 89 -1.14 13.85 -6.39
C TYR C 89 -1.32 14.41 -4.98
N LYS C 90 -0.59 15.48 -4.63
CA LYS C 90 -0.62 16.08 -3.29
C LYS C 90 -1.47 17.34 -3.26
N LEU C 91 -2.49 17.38 -2.41
CA LEU C 91 -3.17 18.62 -2.06
C LEU C 91 -2.43 19.35 -0.93
N PRO C 92 -2.18 20.66 -1.04
CA PRO C 92 -1.53 21.41 0.03
C PRO C 92 -2.42 21.51 1.27
N ASP C 93 -1.81 21.70 2.43
CA ASP C 93 -2.50 21.84 3.72
C ASP C 93 -3.42 23.07 3.79
N ASP C 94 -3.22 24.06 2.93
CA ASP C 94 -4.05 25.26 2.79
C ASP C 94 -4.88 25.27 1.49
N PHE C 95 -5.16 24.12 0.90
CA PHE C 95 -6.01 23.96 -0.27
C PHE C 95 -7.39 24.65 -0.11
N THR C 96 -7.80 25.40 -1.13
CA THR C 96 -9.15 25.93 -1.29
C THR C 96 -9.74 25.43 -2.59
N GLY C 97 -10.92 24.83 -2.54
CA GLY C 97 -11.47 24.05 -3.65
C GLY C 97 -12.32 22.87 -3.19
N CYS C 98 -12.69 22.00 -4.11
CA CYS C 98 -13.52 20.83 -3.85
C CYS C 98 -12.94 19.54 -4.45
N VAL C 99 -13.20 18.42 -3.79
CA VAL C 99 -12.82 17.08 -4.22
C VAL C 99 -14.09 16.28 -4.46
N ILE C 100 -14.30 15.91 -5.71
CA ILE C 100 -15.45 15.15 -6.18
C ILE C 100 -14.99 13.76 -6.54
N ALA C 101 -15.72 12.74 -6.12
CA ALA C 101 -15.45 11.39 -6.60
C ALA C 101 -16.72 10.56 -6.71
N TRP C 102 -16.71 9.61 -7.64
CA TRP C 102 -17.77 8.61 -7.77
C TRP C 102 -17.22 7.26 -8.21
N ASN C 103 -17.90 6.20 -7.77
CA ASN C 103 -17.59 4.85 -8.18
C ASN C 103 -17.78 4.72 -9.70
N SER C 104 -16.75 4.28 -10.41
CA SER C 104 -16.76 4.08 -11.85
C SER C 104 -16.55 2.61 -12.24
N ASN C 105 -16.93 1.67 -11.38
CA ASN C 105 -16.82 0.23 -11.62
C ASN C 105 -17.38 -0.19 -13.00
N ASN C 106 -18.52 0.37 -13.40
CA ASN C 106 -19.16 0.12 -14.69
C ASN C 106 -18.37 0.60 -15.92
N LEU C 107 -17.46 1.58 -15.78
CA LEU C 107 -16.64 2.11 -16.87
C LEU C 107 -15.20 1.59 -16.83
N ASP C 108 -14.61 1.57 -15.65
CA ASP C 108 -13.18 1.38 -15.45
C ASP C 108 -12.78 -0.02 -14.99
N SER C 109 -13.66 -0.81 -14.37
CA SER C 109 -13.37 -2.22 -14.15
C SER C 109 -13.56 -3.01 -15.44
N LYS C 110 -12.71 -4.03 -15.66
CA LYS C 110 -12.84 -4.98 -16.79
C LYS C 110 -12.59 -6.40 -16.30
N VAL C 111 -13.21 -7.40 -16.93
CA VAL C 111 -13.13 -8.81 -16.50
C VAL C 111 -11.68 -9.31 -16.49
N GLY C 112 -11.32 -10.05 -15.43
CA GLY C 112 -9.94 -10.46 -15.15
C GLY C 112 -9.02 -9.33 -14.63
N GLY C 113 -9.51 -8.09 -14.56
CA GLY C 113 -8.80 -6.90 -14.11
C GLY C 113 -8.47 -5.96 -15.27
N ASN C 114 -8.75 -4.66 -15.11
CA ASN C 114 -8.31 -3.65 -16.06
C ASN C 114 -6.90 -3.17 -15.71
N TYR C 115 -5.90 -3.54 -16.49
CA TYR C 115 -4.51 -3.18 -16.23
C TYR C 115 -4.09 -1.82 -16.85
N ASN C 116 -5.01 -1.12 -17.54
CA ASN C 116 -4.74 0.14 -18.21
C ASN C 116 -4.44 1.31 -17.26
N TYR C 117 -4.93 1.29 -16.01
CA TYR C 117 -4.76 2.36 -15.04
C TYR C 117 -3.60 2.11 -14.08
N LEU C 118 -2.75 3.12 -13.84
CA LEU C 118 -1.54 2.98 -13.04
C LEU C 118 -1.36 4.09 -11.99
N TYR C 119 -0.53 3.81 -11.00
CA TYR C 119 -0.09 4.76 -9.99
C TYR C 119 1.42 4.61 -9.78
N ARG C 120 2.13 5.69 -9.42
CA ARG C 120 3.56 5.61 -9.11
C ARG C 120 3.76 5.04 -7.71
N LEU C 121 4.49 3.93 -7.61
CA LEU C 121 4.80 3.28 -6.33
C LEU C 121 6.11 3.79 -5.74
N PHE C 122 7.12 3.98 -6.59
CA PHE C 122 8.47 4.34 -6.18
C PHE C 122 8.84 5.78 -6.57
N ARG C 123 9.41 6.50 -5.61
CA ARG C 123 9.88 7.89 -5.66
C ARG C 123 10.96 8.06 -4.60
N LYS C 124 12.08 8.72 -4.90
CA LYS C 124 13.15 8.97 -3.91
C LYS C 124 12.67 9.83 -2.73
N SER C 125 11.71 10.72 -2.99
CA SER C 125 11.13 11.66 -2.02
C SER C 125 9.67 11.97 -2.34
N ASN C 126 8.89 12.37 -1.33
CA ASN C 126 7.48 12.74 -1.48
C ASN C 126 7.28 13.91 -2.45
N LEU C 127 6.11 14.00 -3.08
CA LEU C 127 5.72 15.08 -3.99
C LEU C 127 5.45 16.39 -3.24
N LYS C 128 5.80 17.52 -3.86
CA LYS C 128 5.28 18.85 -3.51
C LYS C 128 3.79 18.97 -3.86
N PRO C 129 3.03 19.88 -3.24
CA PRO C 129 1.66 20.17 -3.65
C PRO C 129 1.50 20.47 -5.13
N PHE C 130 0.48 19.90 -5.79
CA PHE C 130 0.23 19.99 -7.24
C PHE C 130 1.42 19.64 -8.15
N GLU C 131 2.45 18.97 -7.64
CA GLU C 131 3.54 18.45 -8.45
C GLU C 131 3.06 17.30 -9.36
N ARG C 132 3.77 17.08 -10.47
CA ARG C 132 3.51 15.97 -11.39
C ARG C 132 4.81 15.34 -11.86
N ASP C 133 4.80 14.03 -12.09
CA ASP C 133 5.97 13.25 -12.47
C ASP C 133 5.53 12.09 -13.37
N ILE C 134 5.76 12.22 -14.67
CA ILE C 134 5.32 11.29 -15.71
C ILE C 134 6.48 10.34 -16.14
N SER C 135 7.61 10.38 -15.43
CA SER C 135 8.83 9.67 -15.84
C SER C 135 8.74 8.15 -15.73
N THR C 136 9.49 7.44 -16.57
CA THR C 136 9.67 5.98 -16.52
C THR C 136 11.10 5.55 -16.14
N GLU C 137 11.82 6.39 -15.41
CA GLU C 137 13.18 6.08 -14.93
C GLU C 137 13.16 4.78 -14.09
N ILE C 138 14.02 3.83 -14.42
CA ILE C 138 14.05 2.54 -13.74
C ILE C 138 14.58 2.71 -12.31
N TYR C 139 13.82 2.32 -11.30
CA TYR C 139 14.03 2.77 -9.93
C TYR C 139 15.15 2.02 -9.19
N GLN C 140 16.21 2.74 -8.81
CA GLN C 140 17.47 2.17 -8.32
C GLN C 140 17.42 1.84 -6.82
N ALA C 141 16.62 0.86 -6.41
CA ALA C 141 16.49 0.45 -5.00
C ALA C 141 17.73 -0.25 -4.42
N GLY C 142 18.55 -0.88 -5.28
CA GLY C 142 19.85 -1.47 -4.95
C GLY C 142 20.97 -0.43 -4.77
N SER C 143 22.05 -0.80 -4.09
CA SER C 143 23.24 0.07 -3.93
C SER C 143 24.09 0.17 -5.20
N THR C 144 23.98 -0.81 -6.09
CA THR C 144 24.68 -0.94 -7.37
C THR C 144 23.97 -0.21 -8.51
N PRO C 145 24.62 -0.03 -9.69
CA PRO C 145 23.97 0.44 -10.92
C PRO C 145 22.70 -0.33 -11.28
N CYS C 146 21.85 0.25 -12.13
CA CYS C 146 20.63 -0.41 -12.63
C CYS C 146 20.38 -0.20 -14.13
N ASN C 147 20.68 0.98 -14.66
CA ASN C 147 21.08 1.17 -16.06
C ASN C 147 20.02 0.72 -17.09
N GLY C 148 18.82 1.27 -16.96
CA GLY C 148 17.81 1.38 -18.03
C GLY C 148 16.76 0.26 -18.13
N VAL C 149 16.96 -0.90 -17.50
CA VAL C 149 15.97 -2.00 -17.46
C VAL C 149 15.94 -2.70 -16.09
N GLU C 150 14.76 -3.13 -15.66
CA GLU C 150 14.53 -3.72 -14.35
C GLU C 150 15.17 -5.10 -14.17
N GLY C 151 15.32 -5.52 -12.92
CA GLY C 151 16.01 -6.76 -12.56
C GLY C 151 16.28 -6.83 -11.06
N PHE C 152 17.38 -7.47 -10.69
CA PHE C 152 17.82 -7.64 -9.30
C PHE C 152 17.92 -6.30 -8.57
N ASN C 153 17.00 -6.07 -7.63
CA ASN C 153 16.88 -4.83 -6.84
C ASN C 153 16.66 -3.54 -7.64
N CYS C 154 16.01 -3.59 -8.80
CA CYS C 154 15.46 -2.38 -9.39
C CYS C 154 14.27 -2.64 -10.33
N TYR C 155 13.40 -1.63 -10.48
CA TYR C 155 12.00 -1.84 -10.87
C TYR C 155 11.48 -0.78 -11.84
N PHE C 156 10.55 -1.15 -12.71
CA PHE C 156 9.65 -0.16 -13.30
C PHE C 156 8.87 0.53 -12.15
N PRO C 157 8.79 1.88 -12.09
CA PRO C 157 8.35 2.61 -10.89
C PRO C 157 6.83 2.70 -10.73
N LEU C 158 6.08 2.43 -11.78
CA LEU C 158 4.62 2.40 -11.74
C LEU C 158 4.12 1.02 -11.35
N GLN C 159 2.92 0.96 -10.79
CA GLN C 159 2.17 -0.26 -10.52
C GLN C 159 0.79 -0.14 -11.18
N SER C 160 0.33 -1.18 -11.86
CA SER C 160 -1.01 -1.23 -12.44
C SER C 160 -2.06 -1.58 -11.38
N TYR C 161 -3.23 -0.93 -11.43
CA TYR C 161 -4.33 -1.20 -10.50
C TYR C 161 -5.10 -2.50 -10.77
N GLY C 162 -5.19 -2.96 -12.03
CA GLY C 162 -5.85 -4.23 -12.35
C GLY C 162 -7.34 -4.30 -11.99
N PHE C 163 -8.10 -3.21 -12.08
CA PHE C 163 -9.43 -3.09 -11.49
C PHE C 163 -10.43 -4.19 -11.92
N GLN C 164 -10.82 -5.01 -10.95
CA GLN C 164 -11.72 -6.15 -11.11
C GLN C 164 -13.20 -5.75 -10.98
N PRO C 165 -14.14 -6.47 -11.61
CA PRO C 165 -15.54 -6.47 -11.21
C PRO C 165 -15.70 -7.05 -9.80
N THR C 166 -16.86 -6.91 -9.15
CA THR C 166 -17.10 -7.35 -7.75
C THR C 166 -15.97 -6.91 -6.81
N ASN C 167 -15.24 -7.81 -6.18
CA ASN C 167 -13.93 -7.60 -5.56
C ASN C 167 -13.85 -6.53 -4.45
N GLY C 168 -14.98 -6.17 -3.82
CA GLY C 168 -15.04 -5.24 -2.68
C GLY C 168 -15.08 -3.77 -3.10
N VAL C 169 -15.98 -2.99 -2.49
CA VAL C 169 -16.28 -1.62 -2.92
C VAL C 169 -15.08 -0.69 -2.80
N GLY C 170 -14.32 -0.74 -1.71
CA GLY C 170 -13.12 0.08 -1.56
C GLY C 170 -12.04 -0.22 -2.59
N TYR C 171 -12.04 -1.41 -3.17
CA TYR C 171 -11.05 -1.83 -4.17
C TYR C 171 -11.50 -1.59 -5.62
N GLN C 172 -12.74 -1.13 -5.83
CA GLN C 172 -13.22 -0.72 -7.14
C GLN C 172 -12.65 0.64 -7.57
N PRO C 173 -12.64 0.94 -8.87
CA PRO C 173 -12.14 2.22 -9.35
C PRO C 173 -13.13 3.33 -9.02
N TYR C 174 -12.60 4.48 -8.63
CA TYR C 174 -13.33 5.72 -8.46
C TYR C 174 -12.70 6.77 -9.38
N ARG C 175 -13.54 7.41 -10.18
CA ARG C 175 -13.17 8.64 -10.89
C ARG C 175 -13.15 9.79 -9.90
N VAL C 176 -12.09 10.56 -9.91
CA VAL C 176 -11.92 11.73 -9.06
C VAL C 176 -11.74 12.95 -9.94
N VAL C 177 -12.43 14.02 -9.60
CA VAL C 177 -12.17 15.35 -10.12
C VAL C 177 -11.93 16.30 -8.94
N VAL C 178 -10.84 17.06 -8.99
CA VAL C 178 -10.55 18.08 -8.00
C VAL C 178 -10.66 19.46 -8.64
N LEU C 179 -11.49 20.32 -8.08
CA LEU C 179 -11.66 21.70 -8.50
C LEU C 179 -10.80 22.59 -7.59
N SER C 180 -9.85 23.31 -8.18
CA SER C 180 -8.89 24.18 -7.49
C SER C 180 -9.02 25.59 -8.03
N PHE C 181 -8.91 26.62 -7.19
CA PHE C 181 -9.15 28.02 -7.57
C PHE C 181 -7.91 28.90 -7.36
N GLU C 182 -7.72 29.95 -8.18
CA GLU C 182 -6.51 30.79 -8.14
C GLU C 182 -6.81 32.30 -8.31
N LEU C 183 -6.06 33.16 -7.61
CA LEU C 183 -6.28 34.62 -7.52
C LEU C 183 -4.95 35.40 -7.59
N LEU C 184 -4.84 36.38 -8.49
CA LEU C 184 -3.72 37.35 -8.56
C LEU C 184 -4.18 38.80 -8.84
N HIS C 185 -5.45 39.10 -8.60
CA HIS C 185 -6.10 40.41 -8.66
C HIS C 185 -6.74 40.88 -10.01
N ALA C 186 -6.92 40.00 -11.01
CA ALA C 186 -7.16 40.34 -12.45
C ALA C 186 -8.16 39.39 -13.14
N PRO C 187 -8.87 39.79 -14.21
CA PRO C 187 -9.67 38.95 -15.08
C PRO C 187 -10.31 37.66 -14.51
N ALA C 188 -11.39 37.91 -13.79
CA ALA C 188 -12.36 37.01 -13.23
C ALA C 188 -13.35 36.40 -14.26
N THR C 189 -12.89 35.71 -15.30
CA THR C 189 -13.80 34.95 -16.19
C THR C 189 -14.32 33.63 -15.56
N VAL C 190 -14.74 33.66 -14.29
CA VAL C 190 -15.58 32.62 -13.61
C VAL C 190 -16.54 33.29 -12.62
N CYS C 191 -17.85 33.01 -12.64
CA CYS C 191 -18.93 33.50 -11.72
C CYS C 191 -20.23 32.61 -11.79
N GLY C 192 -21.32 32.94 -11.06
CA GLY C 192 -22.62 32.19 -10.92
C GLY C 192 -23.73 32.46 -11.97
N PRO C 193 -24.84 33.19 -11.68
CA PRO C 193 -25.65 33.89 -12.68
C PRO C 193 -24.91 34.99 -13.46
#